data_3MK4
#
_entry.id   3MK4
#
_cell.length_a   38.470
_cell.length_b   65.670
_cell.length_c   61.580
_cell.angle_alpha   90.00
_cell.angle_beta   91.53
_cell.angle_gamma   90.00
#
_symmetry.space_group_name_H-M   'P 1 21 1'
#
loop_
_entity.id
_entity.type
_entity.pdbx_description
1 polymer 'Peroxisomal biogenesis factor 3'
2 polymer 'Peroxisomal biogenesis factor 19'
3 water water
#
loop_
_entity_poly.entity_id
_entity_poly.type
_entity_poly.pdbx_seq_one_letter_code
_entity_poly.pdbx_strand_id
1 'polypeptide(L)'
;GQEREAAEYIAQARRQYHFESNQRTCNMTVLSMLPTLREALMQQLNSESLTALLKNRPSNKLEIWEDLKIISFTRSTVAV
YSTCMLVVLLRVQLNIIGGYIYLDNAAVGKNGTTILAPPDVQQQYLSSIQHLLGDGLTELITVIKQAVQKVLGSVSLKHS
LSLLDLEQKLKEIRNLVEQHKSSSWINKDGSKPLLSHYMMPDEETPLAVQACGLSPRDITTIKLLNETRDMLESPDFSTV
LNTCLNRGFSRLLDNMAEFFRPTEQDLQHGNSMNSLSSVSLPLAKIIPIVNGQIHSVCSETPSHFVQDLLTMEQVKDFAA
NVYEAFSTPQQLEK
;
A
2 'polypeptide(L)' ADRELEELLESALDDFDKAK B
#
# COMPACT_ATOMS: atom_id res chain seq x y z
N GLY A 1 40.82 -16.51 -14.47
CA GLY A 1 40.62 -17.93 -14.93
C GLY A 1 39.41 -18.60 -14.30
N GLN A 2 39.43 -19.93 -14.24
CA GLN A 2 38.33 -20.68 -13.62
C GLN A 2 38.25 -20.52 -12.07
N GLU A 3 39.36 -20.19 -11.44
CA GLU A 3 39.43 -19.95 -10.00
C GLU A 3 38.67 -18.71 -9.58
N ARG A 4 38.90 -17.61 -10.29
CA ARG A 4 38.13 -16.38 -10.10
C ARG A 4 36.65 -16.58 -10.36
N GLU A 5 36.30 -17.31 -11.43
CA GLU A 5 34.89 -17.64 -11.75
C GLU A 5 34.22 -18.49 -10.66
N ALA A 6 34.96 -19.46 -10.13
CA ALA A 6 34.44 -20.27 -9.01
C ALA A 6 34.23 -19.37 -7.79
N ALA A 7 35.19 -18.48 -7.52
CA ALA A 7 35.09 -17.55 -6.39
C ALA A 7 33.84 -16.66 -6.48
N GLU A 8 33.62 -16.05 -7.64
CA GLU A 8 32.43 -15.19 -7.84
C GLU A 8 31.14 -16.01 -7.79
N TYR A 9 31.23 -17.27 -8.21
CA TYR A 9 30.07 -18.15 -8.24
C TYR A 9 29.62 -18.47 -6.83
N ILE A 10 30.59 -18.78 -5.96
CA ILE A 10 30.30 -19.11 -4.56
C ILE A 10 29.76 -17.89 -3.78
N ALA A 11 30.34 -16.71 -4.03
CA ALA A 11 29.88 -15.50 -3.36
C ALA A 11 28.43 -15.24 -3.74
N GLN A 12 28.14 -15.28 -5.04
CA GLN A 12 26.76 -15.03 -5.53
C GLN A 12 25.76 -16.04 -4.99
N ALA A 13 26.12 -17.30 -5.09
CA ALA A 13 25.36 -18.41 -4.53
C ALA A 13 25.06 -18.22 -3.05
N ARG A 14 26.04 -17.79 -2.28
CA ARG A 14 25.87 -17.53 -0.86
CA ARG A 14 25.84 -17.55 -0.86
C ARG A 14 24.91 -16.35 -0.65
N ARG A 15 25.19 -15.26 -1.34
CA ARG A 15 24.28 -14.10 -1.28
C ARG A 15 22.86 -14.51 -1.64
N GLN A 16 22.73 -15.40 -2.61
CA GLN A 16 21.41 -15.75 -3.13
C GLN A 16 20.63 -16.65 -2.20
N TYR A 17 21.27 -17.60 -1.52
CA TYR A 17 20.56 -18.41 -0.52
C TYR A 17 20.01 -17.52 0.61
N HIS A 18 20.79 -16.55 1.07
CA HIS A 18 20.36 -15.72 2.19
C HIS A 18 19.30 -14.72 1.74
N PHE A 19 19.46 -14.15 0.57
CA PHE A 19 18.44 -13.31 0.00
C PHE A 19 17.10 -14.03 -0.12
N GLU A 20 17.09 -15.22 -0.72
CA GLU A 20 15.87 -16.00 -0.91
C GLU A 20 15.19 -16.37 0.40
N SER A 21 15.98 -16.82 1.37
CA SER A 21 15.49 -17.07 2.72
C SER A 21 14.84 -15.80 3.29
N ASN A 22 15.48 -14.68 3.06
CA ASN A 22 15.01 -13.43 3.57
C ASN A 22 13.72 -12.94 2.85
N GLN A 23 13.54 -13.27 1.56
CA GLN A 23 12.28 -13.05 0.85
C GLN A 23 11.15 -13.91 1.41
N ARG A 24 11.46 -15.13 1.81
CA ARG A 24 10.43 -15.99 2.38
C ARG A 24 9.91 -15.41 3.69
N THR A 25 10.84 -14.98 4.56
CA THR A 25 10.51 -14.25 5.77
C THR A 25 9.63 -13.02 5.49
N CYS A 26 10.10 -12.17 4.58
CA CYS A 26 9.37 -10.98 4.16
C CYS A 26 7.97 -11.26 3.62
N ASN A 27 7.84 -12.29 2.79
CA ASN A 27 6.52 -12.73 2.31
C ASN A 27 5.58 -13.07 3.47
N MET A 28 6.07 -13.86 4.41
CA MET A 28 5.31 -14.15 5.64
C MET A 28 4.90 -12.89 6.41
N THR A 29 5.85 -11.99 6.64
CA THR A 29 5.58 -10.77 7.41
C THR A 29 4.52 -9.90 6.72
N VAL A 30 4.65 -9.69 5.41
CA VAL A 30 3.62 -8.98 4.62
C VAL A 30 2.22 -9.56 4.82
N LEU A 31 2.08 -10.87 4.65
CA LEU A 31 0.74 -11.51 4.70
C LEU A 31 0.15 -11.53 6.11
N SER A 32 0.99 -11.65 7.13
CA SER A 32 0.54 -11.58 8.53
C SER A 32 0.10 -10.16 8.92
N MET A 33 0.74 -9.15 8.35
CA MET A 33 0.36 -7.74 8.60
C MET A 33 -0.87 -7.23 7.82
N LEU A 34 -1.23 -7.86 6.72
CA LEU A 34 -2.35 -7.41 5.89
C LEU A 34 -3.69 -7.20 6.63
N PRO A 35 -4.14 -8.19 7.43
CA PRO A 35 -5.36 -8.04 8.23
C PRO A 35 -5.35 -6.87 9.21
N THR A 36 -4.18 -6.49 9.70
CA THR A 36 -4.03 -5.30 10.54
C THR A 36 -4.17 -4.02 9.73
N LEU A 37 -3.59 -4.01 8.54
CA LEU A 37 -3.76 -2.87 7.62
C LEU A 37 -5.21 -2.73 7.23
N ARG A 38 -5.79 -3.84 6.81
CA ARG A 38 -7.20 -3.89 6.48
C ARG A 38 -8.09 -3.43 7.65
N GLU A 39 -7.80 -3.88 8.87
CA GLU A 39 -8.59 -3.47 10.04
C GLU A 39 -8.47 -1.95 10.28
N ALA A 40 -7.28 -1.40 10.14
CA ALA A 40 -7.07 0.03 10.35
C ALA A 40 -7.84 0.87 9.30
N LEU A 41 -7.79 0.47 8.04
CA LEU A 41 -8.52 1.17 6.99
C LEU A 41 -10.04 1.16 7.26
N MET A 42 -10.59 0.01 7.64
CA MET A 42 -12.04 -0.13 7.87
C MET A 42 -12.50 0.72 9.05
N GLN A 43 -11.71 0.75 10.12
CA GLN A 43 -11.99 1.58 11.29
C GLN A 43 -11.93 3.08 10.99
N GLN A 44 -10.93 3.50 10.22
CA GLN A 44 -10.75 4.93 9.92
C GLN A 44 -11.61 5.40 8.75
N LEU A 45 -12.06 4.47 7.92
CA LEU A 45 -12.90 4.75 6.76
C LEU A 45 -14.04 3.73 6.78
N ASN A 46 -14.91 3.92 7.76
CA ASN A 46 -15.98 3.00 8.07
C ASN A 46 -17.24 3.30 7.29
N SER A 47 -17.32 2.73 6.09
CA SER A 47 -18.50 2.76 5.23
C SER A 47 -19.67 2.01 5.82
N GLU A 48 -19.36 0.91 6.48
CA GLU A 48 -20.37 -0.05 6.89
C GLU A 48 -21.23 0.53 7.99
N SER A 49 -20.72 1.51 8.72
CA SER A 49 -21.51 2.24 9.69
C SER A 49 -22.49 3.18 9.03
N LEU A 50 -22.07 3.88 7.97
CA LEU A 50 -22.96 4.78 7.23
C LEU A 50 -24.05 4.01 6.55
N THR A 51 -23.70 2.87 5.96
CA THR A 51 -24.67 1.96 5.40
C THR A 51 -25.74 1.56 6.43
N ALA A 52 -25.29 1.26 7.65
CA ALA A 52 -26.20 0.85 8.73
C ALA A 52 -27.23 1.94 9.02
N LEU A 53 -26.79 3.20 9.05
CA LEU A 53 -27.70 4.34 9.23
C LEU A 53 -28.72 4.46 8.10
N LEU A 54 -28.27 4.30 6.85
CA LEU A 54 -29.15 4.35 5.68
C LEU A 54 -30.22 3.26 5.74
N LYS A 55 -29.81 2.04 6.13
CA LYS A 55 -30.76 0.94 6.35
C LYS A 55 -31.58 1.10 7.64
N ASN A 56 -31.56 2.31 8.22
CA ASN A 56 -32.34 2.63 9.42
C ASN A 56 -33.05 3.98 9.34
N ARG A 57 -33.67 4.27 8.20
CA ARG A 57 -34.69 5.32 8.14
C ARG A 57 -34.18 6.65 8.74
N PRO A 58 -33.09 7.23 8.18
CA PRO A 58 -32.52 8.44 8.77
C PRO A 58 -32.95 9.73 8.09
N SER A 59 -32.84 10.84 8.84
CA SER A 59 -32.85 12.18 8.25
C SER A 59 -31.44 12.48 7.75
N ASN A 60 -31.27 13.62 7.06
CA ASN A 60 -30.03 13.93 6.31
C ASN A 60 -29.46 12.74 5.51
N LYS A 61 -30.36 11.98 4.88
CA LYS A 61 -30.00 10.83 4.05
C LYS A 61 -28.96 11.18 2.97
N LEU A 62 -29.06 12.37 2.40
CA LEU A 62 -28.13 12.80 1.34
C LEU A 62 -26.75 13.18 1.89
N GLU A 63 -26.69 13.62 3.15
CA GLU A 63 -25.41 13.93 3.81
C GLU A 63 -24.63 12.64 4.07
N ILE A 64 -25.34 11.58 4.43
CA ILE A 64 -24.75 10.27 4.62
C ILE A 64 -24.21 9.69 3.30
N TRP A 65 -25.00 9.82 2.23
CA TRP A 65 -24.60 9.35 0.90
C TRP A 65 -23.39 10.09 0.36
N GLU A 66 -23.33 11.40 0.58
CA GLU A 66 -22.18 12.20 0.14
C GLU A 66 -20.94 11.78 0.93
N ASP A 67 -21.16 11.42 2.18
CA ASP A 67 -20.10 10.90 3.03
C ASP A 67 -19.60 9.57 2.44
N LEU A 68 -20.52 8.65 2.15
CA LEU A 68 -20.20 7.36 1.52
C LEU A 68 -19.46 7.51 0.19
N LYS A 69 -19.86 8.51 -0.60
CA LYS A 69 -19.20 8.81 -1.85
C LYS A 69 -17.71 9.01 -1.62
N ILE A 70 -17.37 9.83 -0.62
CA ILE A 70 -15.97 10.11 -0.28
C ILE A 70 -15.28 8.92 0.40
N ILE A 71 -15.92 8.31 1.40
CA ILE A 71 -15.25 7.25 2.17
C ILE A 71 -14.92 6.05 1.28
N SER A 72 -15.86 5.64 0.43
CA SER A 72 -15.69 4.48 -0.44
C SER A 72 -14.52 4.60 -1.37
N PHE A 73 -14.45 5.73 -2.07
CA PHE A 73 -13.38 6.00 -3.03
C PHE A 73 -12.04 6.19 -2.33
N THR A 74 -12.09 6.79 -1.13
CA THR A 74 -10.89 7.05 -0.36
C THR A 74 -10.33 5.73 0.12
N ARG A 75 -11.20 4.87 0.61
CA ARG A 75 -10.75 3.59 1.17
C ARG A 75 -10.10 2.68 0.12
N SER A 76 -10.69 2.60 -1.06
CA SER A 76 -10.13 1.77 -2.11
C SER A 76 -8.86 2.38 -2.69
N THR A 77 -8.81 3.70 -2.79
CA THR A 77 -7.60 4.39 -3.24
C THR A 77 -6.43 4.20 -2.26
N VAL A 78 -6.71 4.40 -0.97
CA VAL A 78 -5.73 4.17 0.09
C VAL A 78 -5.34 2.69 0.18
N ALA A 79 -6.28 1.80 -0.09
CA ALA A 79 -5.97 0.36 -0.05
C ALA A 79 -4.85 0.02 -1.02
N VAL A 80 -4.85 0.66 -2.18
CA VAL A 80 -3.85 0.39 -3.18
C VAL A 80 -2.51 0.98 -2.79
N TYR A 81 -2.50 2.26 -2.39
CA TYR A 81 -1.26 2.88 -1.97
C TYR A 81 -0.58 2.13 -0.82
N SER A 82 -1.34 1.81 0.22
CA SER A 82 -0.77 1.31 1.47
C SER A 82 -0.29 -0.13 1.32
N THR A 83 -1.01 -0.90 0.53
CA THR A 83 -0.57 -2.26 0.19
C THR A 83 0.75 -2.28 -0.59
N CYS A 84 0.89 -1.37 -1.55
CA CYS A 84 2.10 -1.29 -2.34
C CYS A 84 3.25 -0.84 -1.43
N MET A 85 2.99 0.15 -0.59
CA MET A 85 3.99 0.65 0.34
C MET A 85 4.38 -0.43 1.37
N LEU A 86 3.41 -1.19 1.82
CA LEU A 86 3.67 -2.28 2.76
C LEU A 86 4.68 -3.26 2.18
N VAL A 87 4.42 -3.71 0.96
CA VAL A 87 5.25 -4.72 0.31
C VAL A 87 6.65 -4.19 0.05
N VAL A 88 6.75 -2.98 -0.51
CA VAL A 88 8.06 -2.43 -0.89
C VAL A 88 8.88 -1.91 0.31
N LEU A 89 8.22 -1.41 1.35
CA LEU A 89 8.94 -1.00 2.56
C LEU A 89 9.47 -2.21 3.30
N LEU A 90 8.69 -3.28 3.39
CA LEU A 90 9.20 -4.51 4.00
C LEU A 90 10.34 -5.14 3.18
N ARG A 91 10.28 -5.10 1.85
CA ARG A 91 11.40 -5.53 1.01
C ARG A 91 12.66 -4.72 1.32
N VAL A 92 12.50 -3.41 1.48
CA VAL A 92 13.64 -2.55 1.84
C VAL A 92 14.21 -2.92 3.21
N GLN A 93 13.39 -2.88 4.25
CA GLN A 93 13.84 -3.13 5.61
C GLN A 93 14.49 -4.51 5.79
N LEU A 94 13.82 -5.56 5.32
CA LEU A 94 14.32 -6.90 5.49
C LEU A 94 15.64 -7.19 4.75
N ASN A 95 15.88 -6.51 3.63
CA ASN A 95 17.14 -6.66 2.90
C ASN A 95 18.22 -5.67 3.34
N ILE A 96 17.84 -4.57 3.98
CA ILE A 96 18.81 -3.69 4.63
C ILE A 96 19.33 -4.44 5.84
N ILE A 97 18.45 -4.82 6.76
CA ILE A 97 18.90 -5.56 7.94
C ILE A 97 19.51 -6.92 7.56
N GLY A 98 18.94 -7.60 6.57
CA GLY A 98 19.50 -8.87 6.09
C GLY A 98 20.93 -8.69 5.62
N GLY A 99 21.17 -7.58 4.94
CA GLY A 99 22.52 -7.20 4.49
C GLY A 99 23.50 -7.13 5.65
N TYR A 100 23.12 -6.41 6.71
CA TYR A 100 23.95 -6.28 7.90
C TYR A 100 24.13 -7.62 8.64
N ILE A 101 23.05 -8.37 8.77
CA ILE A 101 23.07 -9.70 9.37
C ILE A 101 24.03 -10.62 8.59
N TYR A 102 24.05 -10.47 7.27
CA TYR A 102 24.95 -11.24 6.39
C TYR A 102 26.41 -10.86 6.60
N LEU A 103 26.68 -9.60 6.90
CA LEU A 103 28.05 -9.14 7.04
C LEU A 103 28.63 -9.52 8.39
N ASP A 104 27.82 -9.41 9.45
CA ASP A 104 28.20 -9.84 10.80
C ASP A 104 28.73 -11.29 10.84
N ASN A 105 28.55 -12.02 9.74
CA ASN A 105 29.20 -13.30 9.54
C ASN A 105 30.53 -13.09 8.80
N ALA A 106 31.50 -12.62 9.58
CA ALA A 106 32.85 -12.34 9.12
C ALA A 106 33.85 -12.77 10.18
N THR A 113 35.52 -7.96 15.11
CA THR A 113 35.09 -8.23 16.48
C THR A 113 33.69 -7.65 16.79
N THR A 114 33.44 -6.43 16.33
CA THR A 114 32.24 -5.67 16.72
C THR A 114 31.03 -5.96 15.81
N ILE A 115 30.02 -6.62 16.37
CA ILE A 115 28.78 -6.93 15.64
C ILE A 115 27.96 -5.65 15.44
N LEU A 116 27.60 -5.37 14.19
CA LEU A 116 26.86 -4.16 13.84
C LEU A 116 25.36 -4.27 14.21
N ALA A 117 24.71 -5.35 13.79
CA ALA A 117 23.26 -5.52 13.93
C ALA A 117 22.85 -6.72 14.80
N PRO A 118 23.03 -6.62 16.14
CA PRO A 118 22.58 -7.67 17.06
C PRO A 118 21.06 -7.67 17.22
N PRO A 119 20.49 -8.74 17.82
CA PRO A 119 19.06 -8.94 17.97
C PRO A 119 18.23 -7.75 18.47
N ASP A 120 18.79 -6.95 19.37
CA ASP A 120 18.07 -5.79 19.87
C ASP A 120 18.02 -4.63 18.86
N VAL A 121 19.07 -4.48 18.05
CA VAL A 121 19.08 -3.48 16.97
C VAL A 121 18.14 -3.90 15.84
N GLN A 122 18.14 -5.18 15.52
CA GLN A 122 17.21 -5.77 14.56
C GLN A 122 15.76 -5.55 14.97
N GLN A 123 15.48 -5.72 16.25
CA GLN A 123 14.12 -5.54 16.73
C GLN A 123 13.71 -4.08 16.65
N GLN A 124 14.54 -3.19 17.20
CA GLN A 124 14.17 -1.78 17.24
C GLN A 124 14.06 -1.19 15.84
N TYR A 125 14.88 -1.67 14.90
CA TYR A 125 14.85 -1.18 13.52
C TYR A 125 13.60 -1.67 12.78
N LEU A 126 13.29 -2.96 12.89
CA LEU A 126 12.13 -3.55 12.24
C LEU A 126 10.82 -3.02 12.79
N SER A 127 10.83 -2.62 14.06
CA SER A 127 9.64 -2.07 14.68
C SER A 127 9.24 -0.71 14.05
N SER A 128 10.13 -0.10 13.28
CA SER A 128 9.77 1.12 12.56
C SER A 128 8.64 0.99 11.52
N ILE A 129 8.30 -0.26 11.13
CA ILE A 129 7.15 -0.57 10.26
C ILE A 129 5.83 -0.03 10.82
N GLN A 130 5.78 0.05 12.13
CA GLN A 130 4.78 0.79 12.93
C GLN A 130 4.20 2.05 12.24
N HIS A 131 5.09 2.87 11.69
CA HIS A 131 4.69 4.17 11.19
C HIS A 131 3.72 4.05 10.03
N LEU A 132 4.01 3.14 9.09
CA LEU A 132 3.17 2.96 7.90
C LEU A 132 1.76 2.54 8.27
N LEU A 133 1.65 1.73 9.31
CA LEU A 133 0.38 1.22 9.81
C LEU A 133 -0.25 2.15 10.86
N GLY A 134 0.46 3.21 11.20
CA GLY A 134 0.08 4.09 12.30
C GLY A 134 -0.13 5.50 11.80
N ASP A 135 0.73 6.42 12.23
CA ASP A 135 0.56 7.82 11.88
C ASP A 135 0.63 8.05 10.39
N GLY A 136 1.46 7.27 9.70
CA GLY A 136 1.64 7.44 8.27
C GLY A 136 0.33 7.20 7.55
N LEU A 137 -0.36 6.13 7.94
CA LEU A 137 -1.61 5.73 7.28
C LEU A 137 -2.68 6.81 7.40
N THR A 138 -2.78 7.39 8.58
CA THR A 138 -3.74 8.46 8.88
C THR A 138 -3.45 9.72 8.08
N GLU A 139 -2.19 10.12 8.01
CA GLU A 139 -1.79 11.22 7.14
C GLU A 139 -2.14 10.89 5.69
N LEU A 140 -1.91 9.64 5.28
CA LEU A 140 -2.19 9.22 3.92
C LEU A 140 -3.71 9.32 3.67
N ILE A 141 -4.52 8.89 4.64
CA ILE A 141 -5.96 8.95 4.50
C ILE A 141 -6.43 10.39 4.36
N THR A 142 -5.94 11.27 5.25
CA THR A 142 -6.29 12.69 5.19
C THR A 142 -6.03 13.30 3.81
N VAL A 143 -4.91 12.94 3.20
CA VAL A 143 -4.49 13.54 1.92
C VAL A 143 -5.30 12.99 0.74
N ILE A 144 -5.52 11.67 0.74
CA ILE A 144 -6.34 11.06 -0.30
C ILE A 144 -7.82 11.51 -0.17
N LYS A 145 -8.30 11.68 1.05
CA LYS A 145 -9.68 12.13 1.29
C LYS A 145 -9.96 13.53 0.74
N GLN A 146 -9.02 14.45 0.96
CA GLN A 146 -9.05 15.79 0.38
C GLN A 146 -9.10 15.72 -1.13
N ALA A 147 -8.29 14.82 -1.70
CA ALA A 147 -8.15 14.73 -3.14
C ALA A 147 -9.43 14.16 -3.76
N VAL A 148 -10.03 13.17 -3.10
CA VAL A 148 -11.31 12.62 -3.54
C VAL A 148 -12.42 13.65 -3.41
N GLN A 149 -12.34 14.46 -2.35
CA GLN A 149 -13.30 15.51 -2.10
C GLN A 149 -13.24 16.55 -3.22
N LYS A 150 -12.05 16.88 -3.71
CA LYS A 150 -11.92 17.80 -4.86
C LYS A 150 -12.43 17.23 -6.18
N VAL A 151 -12.23 15.91 -6.36
CA VAL A 151 -12.51 15.27 -7.64
C VAL A 151 -13.99 14.85 -7.73
N LEU A 152 -14.52 14.30 -6.65
CA LEU A 152 -15.90 13.84 -6.58
C LEU A 152 -16.84 14.73 -5.76
N GLY A 153 -16.35 15.84 -5.22
CA GLY A 153 -17.18 16.67 -4.34
C GLY A 153 -18.44 17.22 -5.00
N SER A 154 -18.24 17.89 -6.14
CA SER A 154 -19.31 18.50 -6.91
C SER A 154 -20.07 17.54 -7.85
N VAL A 155 -19.75 16.25 -7.81
CA VAL A 155 -20.34 15.28 -8.74
C VAL A 155 -21.60 14.67 -8.14
N SER A 156 -22.67 14.67 -8.92
CA SER A 156 -23.97 14.20 -8.48
C SER A 156 -24.00 12.67 -8.37
N LEU A 157 -24.86 12.17 -7.49
CA LEU A 157 -25.05 10.71 -7.36
C LEU A 157 -25.79 10.08 -8.55
N LYS A 158 -26.48 10.89 -9.34
CA LYS A 158 -27.17 10.43 -10.55
C LYS A 158 -26.24 10.44 -11.76
N HIS A 159 -25.14 11.20 -11.68
CA HIS A 159 -24.20 11.31 -12.78
C HIS A 159 -23.78 9.92 -13.25
N SER A 160 -24.06 9.59 -14.50
CA SER A 160 -23.70 8.27 -15.02
C SER A 160 -22.26 8.30 -15.52
N LEU A 161 -21.46 7.36 -15.04
CA LEU A 161 -20.04 7.31 -15.40
C LEU A 161 -19.75 6.02 -16.14
N SER A 162 -19.00 6.13 -17.23
CA SER A 162 -18.52 4.96 -17.95
C SER A 162 -17.27 4.45 -17.24
N LEU A 163 -16.80 3.27 -17.64
CA LEU A 163 -15.56 2.69 -17.08
C LEU A 163 -14.37 3.62 -17.35
N LEU A 164 -14.38 4.26 -18.51
CA LEU A 164 -13.35 5.21 -18.90
C LEU A 164 -13.42 6.48 -18.02
N ASP A 165 -14.62 6.95 -17.71
CA ASP A 165 -14.78 8.12 -16.83
C ASP A 165 -14.19 7.79 -15.46
N LEU A 166 -14.59 6.66 -14.91
CA LEU A 166 -14.10 6.18 -13.61
C LEU A 166 -12.56 6.04 -13.55
N GLU A 167 -11.95 5.53 -14.63
CA GLU A 167 -10.48 5.50 -14.72
C GLU A 167 -9.92 6.92 -14.67
N GLN A 168 -10.61 7.85 -15.34
CA GLN A 168 -10.17 9.24 -15.39
C GLN A 168 -10.29 9.92 -14.01
N LYS A 169 -11.35 9.63 -13.26
CA LYS A 169 -11.48 10.14 -11.91
C LYS A 169 -10.32 9.61 -11.04
N LEU A 170 -9.98 8.33 -11.21
CA LEU A 170 -8.89 7.71 -10.47
C LEU A 170 -7.53 8.33 -10.81
N LYS A 171 -7.34 8.72 -12.05
CA LYS A 171 -6.09 9.37 -12.46
C LYS A 171 -5.99 10.73 -11.78
N GLU A 172 -7.11 11.45 -11.76
CA GLU A 172 -7.20 12.77 -11.14
C GLU A 172 -6.91 12.70 -9.65
N ILE A 173 -7.47 11.69 -8.99
CA ILE A 173 -7.18 11.48 -7.59
C ILE A 173 -5.69 11.20 -7.41
N ARG A 174 -5.13 10.32 -8.24
CA ARG A 174 -3.69 9.97 -8.16
C ARG A 174 -2.78 11.20 -8.32
N ASN A 175 -3.11 12.08 -9.26
CA ASN A 175 -2.25 13.22 -9.56
C ASN A 175 -2.24 14.27 -8.46
N LEU A 176 -3.37 14.39 -7.77
CA LEU A 176 -3.45 15.28 -6.63
C LEU A 176 -2.64 14.73 -5.46
N VAL A 177 -2.67 13.42 -5.28
CA VAL A 177 -1.95 12.73 -4.20
C VAL A 177 -0.43 12.72 -4.41
N GLU A 178 0.01 12.28 -5.59
CA GLU A 178 1.44 12.11 -5.86
C GLU A 178 2.17 13.42 -6.23
N GLN A 179 1.44 14.52 -6.37
CA GLN A 179 2.04 15.86 -6.37
C GLN A 179 1.34 16.74 -5.32
N HIS A 180 1.58 16.43 -4.04
CA HIS A 180 1.02 17.15 -2.90
C HIS A 180 2.15 17.78 -2.08
N LEU A 194 7.82 13.48 -1.53
CA LEU A 194 7.32 12.25 -2.13
C LEU A 194 6.44 11.44 -1.16
N LEU A 195 6.15 10.19 -1.56
CA LEU A 195 5.36 9.24 -0.78
C LEU A 195 6.11 8.62 0.43
N SER A 196 7.43 8.80 0.47
CA SER A 196 8.27 8.27 1.55
C SER A 196 7.96 8.87 2.92
N HIS A 197 7.38 10.06 2.94
CA HIS A 197 6.92 10.69 4.19
C HIS A 197 5.90 9.81 4.93
N TYR A 198 5.11 9.05 4.20
CA TYR A 198 4.07 8.18 4.77
C TYR A 198 4.58 6.83 5.27
N MET A 199 5.83 6.50 4.98
CA MET A 199 6.40 5.17 5.29
C MET A 199 7.38 5.20 6.48
N MET A 200 8.03 6.34 6.70
CA MET A 200 8.89 6.57 7.85
C MET A 200 8.49 7.87 8.56
N PRO A 201 8.70 7.94 9.89
CA PRO A 201 8.59 9.24 10.54
C PRO A 201 9.76 10.16 10.15
N ASP A 202 9.51 11.47 10.20
CA ASP A 202 10.52 12.46 9.88
C ASP A 202 11.79 12.23 10.70
N GLU A 203 12.94 12.59 10.14
CA GLU A 203 14.17 12.62 10.91
C GLU A 203 14.16 13.86 11.83
N GLU A 204 14.55 13.68 13.08
CA GLU A 204 14.69 14.80 14.04
C GLU A 204 16.09 15.43 13.95
N THR A 205 16.18 16.73 14.24
CA THR A 205 17.47 17.44 14.35
C THR A 205 18.41 16.81 15.37
N LEU A 214 23.71 8.64 21.36
CA LEU A 214 22.82 8.30 22.46
C LEU A 214 23.28 6.99 23.13
N SER A 215 22.34 6.07 23.33
CA SER A 215 22.67 4.68 23.68
C SER A 215 23.42 4.03 22.51
N PRO A 216 24.42 3.17 22.80
CA PRO A 216 25.42 2.74 21.79
C PRO A 216 24.85 1.92 20.63
N ARG A 217 23.73 1.24 20.87
CA ARG A 217 23.04 0.48 19.85
C ARG A 217 21.80 1.24 19.35
N ASP A 218 21.48 2.36 20.00
CA ASP A 218 20.54 3.34 19.45
C ASP A 218 21.22 4.17 18.36
N ILE A 219 22.54 4.33 18.46
CA ILE A 219 23.34 4.97 17.43
C ILE A 219 23.22 4.19 16.13
N THR A 220 23.49 2.89 16.20
CA THR A 220 23.39 2.05 15.01
C THR A 220 21.96 2.04 14.47
N THR A 221 20.95 2.09 15.34
CA THR A 221 19.57 2.07 14.88
C THR A 221 19.21 3.32 14.08
N ILE A 222 19.75 4.46 14.52
CA ILE A 222 19.55 5.72 13.83
C ILE A 222 20.25 5.72 12.48
N LYS A 223 21.45 5.14 12.41
CA LYS A 223 22.15 4.97 11.12
C LYS A 223 21.34 4.12 10.14
N LEU A 224 20.71 3.06 10.64
CA LEU A 224 19.83 2.21 9.81
C LEU A 224 18.56 2.92 9.31
N LEU A 225 17.91 3.70 10.17
CA LEU A 225 16.68 4.39 9.78
C LEU A 225 17.01 5.48 8.76
N ASN A 226 18.17 6.12 8.91
CA ASN A 226 18.61 7.10 7.95
C ASN A 226 18.89 6.50 6.57
N GLU A 227 19.51 5.33 6.55
CA GLU A 227 19.80 4.61 5.30
C GLU A 227 18.52 4.17 4.61
N THR A 228 17.54 3.71 5.40
CA THR A 228 16.19 3.42 4.93
C THR A 228 15.53 4.66 4.32
N ARG A 229 15.61 5.81 5.01
CA ARG A 229 15.00 7.04 4.48
C ARG A 229 15.62 7.39 3.14
N ASP A 230 16.94 7.31 3.06
CA ASP A 230 17.65 7.61 1.82
C ASP A 230 17.22 6.67 0.70
N MET A 231 17.10 5.39 1.02
CA MET A 231 16.62 4.41 0.08
C MET A 231 15.20 4.76 -0.42
N LEU A 232 14.28 5.06 0.50
CA LEU A 232 12.94 5.47 0.09
C LEU A 232 12.92 6.73 -0.79
N GLU A 233 14.00 7.51 -0.78
CA GLU A 233 14.14 8.68 -1.62
C GLU A 233 14.99 8.43 -2.88
N SER A 234 15.46 7.19 -3.06
CA SER A 234 16.23 6.81 -4.25
C SER A 234 15.33 6.65 -5.49
N PRO A 235 15.88 6.94 -6.69
CA PRO A 235 15.11 6.78 -7.92
C PRO A 235 14.71 5.33 -8.21
N ASP A 236 15.60 4.38 -7.90
CA ASP A 236 15.28 2.97 -8.03
C ASP A 236 14.09 2.59 -7.16
N PHE A 237 14.03 3.09 -5.93
CA PHE A 237 12.89 2.78 -5.09
C PHE A 237 11.61 3.42 -5.65
N SER A 238 11.75 4.64 -6.15
CA SER A 238 10.60 5.37 -6.67
C SER A 238 10.07 4.67 -7.94
N THR A 239 10.97 4.12 -8.74
CA THR A 239 10.60 3.36 -9.93
C THR A 239 9.79 2.13 -9.58
N VAL A 240 10.24 1.39 -8.59
CA VAL A 240 9.58 0.13 -8.26
C VAL A 240 8.25 0.39 -7.58
N LEU A 241 8.15 1.48 -6.82
CA LEU A 241 6.88 1.79 -6.17
C LEU A 241 5.87 2.25 -7.24
N ASN A 242 6.34 3.03 -8.20
CA ASN A 242 5.49 3.43 -9.34
C ASN A 242 4.96 2.23 -10.15
N THR A 243 5.83 1.28 -10.45
CA THR A 243 5.38 0.03 -11.08
C THR A 243 4.25 -0.62 -10.28
N CYS A 244 4.43 -0.78 -8.97
CA CYS A 244 3.42 -1.45 -8.18
C CYS A 244 2.09 -0.66 -8.17
N LEU A 245 2.20 0.65 -7.96
CA LEU A 245 1.03 1.51 -7.98
C LEU A 245 0.27 1.40 -9.30
N ASN A 246 0.99 1.52 -10.42
CA ASN A 246 0.39 1.38 -11.73
C ASN A 246 -0.38 0.08 -11.79
N ARG A 247 0.26 -1.02 -11.40
CA ARG A 247 -0.38 -2.33 -11.49
C ARG A 247 -1.52 -2.49 -10.51
N GLY A 248 -1.46 -1.78 -9.38
CA GLY A 248 -2.51 -1.86 -8.37
C GLY A 248 -3.79 -1.14 -8.78
N PHE A 249 -3.64 -0.03 -9.50
CA PHE A 249 -4.80 0.73 -9.98
C PHE A 249 -5.41 0.18 -11.23
N SER A 250 -4.60 -0.40 -12.12
CA SER A 250 -5.13 -1.14 -13.26
C SER A 250 -6.00 -2.29 -12.79
N ARG A 251 -5.53 -2.98 -11.76
CA ARG A 251 -6.24 -4.08 -11.15
C ARG A 251 -7.54 -3.63 -10.49
N LEU A 252 -7.49 -2.50 -9.79
CA LEU A 252 -8.69 -1.92 -9.22
C LEU A 252 -9.74 -1.73 -10.32
N LEU A 253 -9.29 -1.24 -11.47
CA LEU A 253 -10.15 -1.00 -12.63
C LEU A 253 -10.62 -2.29 -13.30
N ASP A 254 -9.70 -3.26 -13.47
CA ASP A 254 -10.06 -4.56 -14.05
C ASP A 254 -11.14 -5.23 -13.18
N ASN A 255 -10.96 -5.18 -11.86
CA ASN A 255 -11.93 -5.76 -10.93
C ASN A 255 -13.33 -5.18 -11.11
N MET A 256 -13.41 -3.88 -11.41
CA MET A 256 -14.69 -3.19 -11.52
C MET A 256 -15.32 -3.28 -12.90
N ALA A 257 -14.50 -3.57 -13.91
CA ALA A 257 -14.99 -3.72 -15.28
C ALA A 257 -16.17 -4.71 -15.38
N GLU A 258 -16.18 -5.75 -14.55
CA GLU A 258 -17.23 -6.77 -14.59
C GLU A 258 -18.63 -6.23 -14.28
N PHE A 259 -18.69 -5.09 -13.60
CA PHE A 259 -19.96 -4.49 -13.22
C PHE A 259 -20.51 -3.56 -14.31
N PHE A 260 -19.67 -3.25 -15.30
CA PHE A 260 -20.08 -2.42 -16.45
C PHE A 260 -20.38 -3.31 -17.68
N ARG A 261 -21.52 -4.01 -17.67
CA ARG A 261 -21.96 -4.82 -18.82
C ARG A 261 -23.45 -4.63 -19.11
N VAL A 279 -21.32 0.83 -21.59
CA VAL A 279 -22.34 1.31 -20.65
C VAL A 279 -21.76 2.18 -19.53
N SER A 280 -22.63 2.97 -18.92
CA SER A 280 -22.28 3.81 -17.78
C SER A 280 -23.24 3.49 -16.63
N LEU A 281 -22.78 3.70 -15.41
CA LEU A 281 -23.58 3.49 -14.20
C LEU A 281 -23.74 4.80 -13.45
N PRO A 282 -24.88 5.01 -12.79
CA PRO A 282 -24.99 6.13 -11.85
C PRO A 282 -23.90 6.05 -10.77
N LEU A 283 -23.31 7.19 -10.41
CA LEU A 283 -22.26 7.21 -9.39
C LEU A 283 -22.72 6.54 -8.12
N ALA A 284 -24.00 6.66 -7.79
CA ALA A 284 -24.53 5.98 -6.63
C ALA A 284 -24.40 4.45 -6.78
N LYS A 285 -24.49 3.92 -8.00
CA LYS A 285 -24.33 2.48 -8.21
C LYS A 285 -22.85 2.09 -8.20
N ILE A 286 -21.98 3.06 -8.49
CA ILE A 286 -20.54 2.81 -8.47
C ILE A 286 -19.98 2.77 -7.06
N ILE A 287 -20.52 3.60 -6.17
CA ILE A 287 -20.06 3.65 -4.77
C ILE A 287 -19.90 2.25 -4.12
N PRO A 288 -20.95 1.41 -4.13
CA PRO A 288 -20.85 0.09 -3.51
C PRO A 288 -19.93 -0.90 -4.24
N ILE A 289 -19.69 -0.68 -5.53
CA ILE A 289 -18.73 -1.47 -6.28
C ILE A 289 -17.32 -1.10 -5.82
N VAL A 290 -17.07 0.19 -5.77
CA VAL A 290 -15.82 0.74 -5.28
C VAL A 290 -15.59 0.41 -3.81
N ASN A 291 -16.64 0.55 -3.00
CA ASN A 291 -16.55 0.31 -1.57
C ASN A 291 -16.01 -1.07 -1.21
N GLY A 292 -16.36 -2.06 -2.04
CA GLY A 292 -16.05 -3.46 -1.80
C GLY A 292 -14.66 -3.89 -2.23
N GLN A 293 -13.96 -3.03 -2.97
CA GLN A 293 -12.63 -3.37 -3.49
C GLN A 293 -11.55 -3.64 -2.44
N ILE A 294 -11.68 -3.01 -1.27
CA ILE A 294 -10.72 -3.22 -0.18
C ILE A 294 -10.56 -4.69 0.17
N HIS A 295 -11.65 -5.45 0.07
CA HIS A 295 -11.63 -6.86 0.47
C HIS A 295 -10.76 -7.73 -0.44
N SER A 296 -10.61 -7.31 -1.69
CA SER A 296 -9.79 -8.00 -2.67
C SER A 296 -8.40 -7.35 -2.78
N VAL A 297 -8.33 -6.02 -2.75
CA VAL A 297 -7.02 -5.34 -2.78
C VAL A 297 -6.16 -5.70 -1.55
N CYS A 298 -6.80 -5.99 -0.41
CA CYS A 298 -6.10 -6.40 0.81
C CYS A 298 -6.41 -7.84 1.22
N SER A 299 -6.49 -8.75 0.25
CA SER A 299 -6.66 -10.16 0.55
C SER A 299 -5.30 -10.84 0.67
N GLU A 300 -5.18 -11.79 1.59
CA GLU A 300 -4.00 -12.65 1.72
C GLU A 300 -4.00 -13.79 0.69
N THR A 301 -5.21 -14.15 0.24
CA THR A 301 -5.46 -15.25 -0.70
C THR A 301 -4.56 -15.19 -1.93
N PRO A 302 -4.20 -16.38 -2.48
CA PRO A 302 -3.42 -16.43 -3.73
C PRO A 302 -4.17 -15.91 -4.98
N SER A 303 -3.40 -15.45 -5.96
CA SER A 303 -3.93 -14.82 -7.18
C SER A 303 -4.54 -13.41 -6.96
N HIS A 304 -4.52 -12.91 -5.72
CA HIS A 304 -4.98 -11.57 -5.42
C HIS A 304 -3.79 -10.61 -5.53
N PHE A 305 -4.06 -9.33 -5.35
CA PHE A 305 -3.11 -8.29 -5.70
C PHE A 305 -1.81 -8.35 -4.90
N VAL A 306 -1.91 -8.59 -3.58
CA VAL A 306 -0.71 -8.63 -2.75
C VAL A 306 0.25 -9.75 -3.17
N GLN A 307 -0.28 -10.93 -3.45
CA GLN A 307 0.56 -12.03 -3.93
C GLN A 307 1.20 -11.76 -5.30
N ASP A 308 0.50 -11.05 -6.18
CA ASP A 308 1.08 -10.65 -7.46
C ASP A 308 2.26 -9.67 -7.25
N LEU A 309 2.20 -8.85 -6.22
CA LEU A 309 3.36 -7.99 -5.88
C LEU A 309 4.51 -8.81 -5.30
N LEU A 310 4.17 -9.84 -4.52
CA LEU A 310 5.19 -10.65 -3.87
C LEU A 310 5.92 -11.57 -4.84
N THR A 311 5.26 -11.93 -5.95
CA THR A 311 5.88 -12.78 -6.96
C THR A 311 6.26 -11.96 -8.21
N MET A 312 6.20 -10.64 -8.11
CA MET A 312 6.56 -9.77 -9.20
C MET A 312 8.06 -9.67 -9.25
N GLU A 313 8.64 -10.14 -10.36
CA GLU A 313 10.09 -10.26 -10.51
C GLU A 313 10.81 -8.89 -10.46
N GLN A 314 10.11 -7.83 -10.85
CA GLN A 314 10.70 -6.47 -10.80
C GLN A 314 10.99 -6.02 -9.35
N VAL A 315 10.14 -6.40 -8.41
CA VAL A 315 10.34 -6.06 -7.00
C VAL A 315 11.43 -6.95 -6.38
N LYS A 316 11.49 -8.21 -6.81
CA LYS A 316 12.58 -9.09 -6.44
C LYS A 316 13.96 -8.58 -6.92
N ASP A 317 14.03 -8.05 -8.14
CA ASP A 317 15.30 -7.52 -8.66
C ASP A 317 15.76 -6.31 -7.82
N PHE A 318 14.82 -5.45 -7.49
CA PHE A 318 15.10 -4.28 -6.66
C PHE A 318 15.56 -4.72 -5.27
N ALA A 319 14.82 -5.64 -4.65
CA ALA A 319 15.17 -6.19 -3.33
C ALA A 319 16.54 -6.85 -3.34
N ALA A 320 16.88 -7.54 -4.43
CA ALA A 320 18.16 -8.23 -4.54
C ALA A 320 19.31 -7.24 -4.59
N ASN A 321 19.12 -6.14 -5.30
CA ASN A 321 20.09 -5.06 -5.34
C ASN A 321 20.28 -4.36 -3.99
N VAL A 322 19.20 -4.16 -3.24
CA VAL A 322 19.30 -3.63 -1.88
C VAL A 322 20.14 -4.53 -0.99
N TYR A 323 19.82 -5.81 -0.99
CA TYR A 323 20.53 -6.79 -0.18
C TYR A 323 22.01 -6.84 -0.49
N GLU A 324 22.34 -6.74 -1.78
CA GLU A 324 23.73 -6.77 -2.22
C GLU A 324 24.49 -5.54 -1.75
N ALA A 325 23.91 -4.35 -1.91
CA ALA A 325 24.57 -3.12 -1.45
C ALA A 325 24.87 -3.18 0.04
N PHE A 326 23.90 -3.68 0.81
CA PHE A 326 24.02 -3.73 2.26
C PHE A 326 24.74 -4.98 2.81
N SER A 327 25.06 -5.96 1.96
CA SER A 327 25.83 -7.14 2.38
C SER A 327 27.31 -7.11 1.94
N THR A 328 27.73 -6.09 1.20
CA THR A 328 29.11 -6.01 0.74
C THR A 328 29.95 -5.06 1.61
N PRO A 329 31.17 -5.53 1.99
CA PRO A 329 32.08 -4.80 2.88
C PRO A 329 32.55 -3.48 2.28
N ALA B 1 -38.77 14.99 -2.83
CA ALA B 1 -39.56 15.03 -4.09
C ALA B 1 -38.63 14.91 -5.34
N ASP B 2 -37.78 13.89 -5.33
CA ASP B 2 -37.03 13.47 -6.51
C ASP B 2 -37.16 11.95 -6.62
N ARG B 3 -38.21 11.50 -7.29
CA ARG B 3 -38.51 10.08 -7.44
C ARG B 3 -37.32 9.30 -8.00
N GLU B 4 -36.76 9.80 -9.11
CA GLU B 4 -35.64 9.14 -9.81
C GLU B 4 -34.45 8.91 -8.90
N LEU B 5 -34.18 9.88 -8.01
CA LEU B 5 -33.08 9.77 -7.07
C LEU B 5 -33.42 8.77 -6.00
N GLU B 6 -34.66 8.83 -5.51
CA GLU B 6 -35.09 7.90 -4.48
C GLU B 6 -35.08 6.45 -4.97
N GLU B 7 -35.48 6.20 -6.21
CA GLU B 7 -35.33 4.88 -6.82
C GLU B 7 -33.86 4.48 -6.89
N LEU B 8 -33.03 5.40 -7.38
CA LEU B 8 -31.61 5.14 -7.55
C LEU B 8 -30.92 4.76 -6.22
N LEU B 9 -31.32 5.43 -5.15
CA LEU B 9 -30.67 5.23 -3.86
C LEU B 9 -31.17 3.98 -3.18
N GLU B 10 -32.46 3.67 -3.34
CA GLU B 10 -33.02 2.42 -2.79
C GLU B 10 -32.34 1.20 -3.38
N SER B 11 -32.15 1.17 -4.70
CA SER B 11 -31.59 0.01 -5.38
C SER B 11 -30.07 -0.13 -5.21
N ALA B 12 -29.37 1.00 -5.12
CA ALA B 12 -27.93 1.02 -4.84
C ALA B 12 -27.60 0.59 -3.42
N LEU B 13 -28.53 0.78 -2.50
CA LEU B 13 -28.38 0.31 -1.12
C LEU B 13 -28.40 -1.21 -1.04
N ASP B 14 -29.12 -1.85 -1.97
CA ASP B 14 -29.09 -3.30 -2.08
C ASP B 14 -27.75 -3.80 -2.64
N ASP B 15 -27.06 -2.98 -3.44
CA ASP B 15 -25.78 -3.37 -4.07
C ASP B 15 -24.58 -3.54 -3.11
N PHE B 16 -24.71 -3.08 -1.87
CA PHE B 16 -23.72 -3.37 -0.83
C PHE B 16 -23.83 -4.82 -0.36
N ASP B 17 -24.80 -5.55 -0.90
CA ASP B 17 -24.97 -6.98 -0.62
C ASP B 17 -23.84 -7.81 -1.27
#